data_6P2U
#
_entry.id   6P2U
#
_cell.length_a   51.040
_cell.length_b   68.250
_cell.length_c   121.220
_cell.angle_alpha   90.000
_cell.angle_beta   90.000
_cell.angle_gamma   90.000
#
_symmetry.space_group_name_H-M   'P 21 21 21'
#
loop_
_entity.id
_entity.type
_entity.pdbx_description
1 polymer 'Stress-70 protein, mitochondrial'
2 non-polymer 9-{5-O-[(S)-hydroxy(phosphonooxy)phosphoryl]-alpha-D-ribofuranosyl}-N-(prop-2-yn-1-yl)-9H-purin-6-amine
3 non-polymer 'PHOSPHATE ION'
4 non-polymer 'MAGNESIUM ION'
5 water water
#
_entity_poly.entity_id   1
_entity_poly.type   'polypeptide(L)'
_entity_poly.pdbx_seq_one_letter_code
;GAMGSKGAVVGIDLGTTNSCVAVMEGKQAKVLENAEGARTTPSVVAFTADGERLVGMPAKRQAVTNPNNTFYATKRLIGR
RYDDPEVQKDIKNVPFKIVRASNGDAWVEAHGKLYSPSQIGAFVLMKMKETAENYLGHTAKNAVITVPAYFNDSQRQATK
DAGQISGLNVLRVINEPTAAALAYGLDKSEDKVIAVYDLGGGTFDISILEIQKGVFEVKSTNGDTFLGGEDFDQALLRHI
VKEFKRETGVDLTKDNMALQRVREAAEKAKCELSSSVQTDINLPYLTMDSSGPKHLNMKLTRAQFEGIVTDLIRRTIAPC
QKAMQDAEVSKSDIGEVILVGGMTRMPKVQQTVQDLFGRAPSKAVNPDEAVAIGAAIQGGVLAGD
;
_entity_poly.pdbx_strand_id   A
#
loop_
_chem_comp.id
_chem_comp.type
_chem_comp.name
_chem_comp.formula
MG non-polymer 'MAGNESIUM ION' 'Mg 2'
NO7 non-polymer 9-{5-O-[(S)-hydroxy(phosphonooxy)phosphoryl]-alpha-D-ribofuranosyl}-N-(prop-2-yn-1-yl)-9H-purin-6-amine 'C13 H17 N5 O10 P2'
PO4 non-polymer 'PHOSPHATE ION' 'O4 P -3'
#
# COMPACT_ATOMS: atom_id res chain seq x y z
N LYS A 6 6.36 27.88 -12.43
CA LYS A 6 6.03 28.51 -11.16
C LYS A 6 6.41 27.61 -9.98
N GLY A 7 5.48 27.44 -9.05
CA GLY A 7 5.69 26.60 -7.89
C GLY A 7 5.86 25.14 -8.24
N ALA A 8 6.72 24.45 -7.50
CA ALA A 8 6.96 23.03 -7.71
C ALA A 8 5.68 22.22 -7.56
N VAL A 9 5.59 21.12 -8.30
CA VAL A 9 4.44 20.23 -8.27
C VAL A 9 4.76 18.95 -7.51
N VAL A 10 4.16 18.77 -6.35
CA VAL A 10 4.41 17.57 -5.54
C VAL A 10 3.84 16.36 -6.27
N GLY A 11 4.49 15.21 -6.08
CA GLY A 11 3.98 13.95 -6.57
C GLY A 11 3.57 13.10 -5.38
N ILE A 12 2.33 12.64 -5.40
CA ILE A 12 1.82 11.85 -4.27
C ILE A 12 1.38 10.47 -4.76
N ASP A 13 1.95 9.42 -4.15
CA ASP A 13 1.41 8.07 -4.22
C ASP A 13 0.36 7.93 -3.12
N LEU A 14 -0.92 7.98 -3.49
CA LEU A 14 -2.03 7.79 -2.54
C LEU A 14 -2.33 6.29 -2.51
N GLY A 15 -1.70 5.57 -1.58
CA GLY A 15 -1.67 4.14 -1.64
C GLY A 15 -2.79 3.46 -0.86
N THR A 16 -3.03 2.20 -1.16
CA THR A 16 -4.05 1.48 -0.41
C THR A 16 -3.70 1.41 1.08
N THR A 17 -2.48 0.99 1.37
CA THR A 17 -2.00 0.88 2.76
C THR A 17 -1.16 2.06 3.25
N ASN A 18 -0.27 2.56 2.39
CA ASN A 18 0.66 3.60 2.76
C ASN A 18 0.76 4.64 1.66
N SER A 19 1.15 5.86 2.02
CA SER A 19 1.25 6.93 1.04
C SER A 19 2.64 7.55 1.13
N CYS A 20 3.03 8.26 0.08
CA CYS A 20 4.39 8.78 -0.03
C CYS A 20 4.34 10.04 -0.89
N VAL A 21 5.16 11.02 -0.54
CA VAL A 21 5.20 12.28 -1.29
C VAL A 21 6.64 12.65 -1.61
N ALA A 22 6.85 13.07 -2.85
CA ALA A 22 8.18 13.46 -3.31
C ALA A 22 8.02 14.70 -4.18
N VAL A 23 9.13 15.38 -4.44
CA VAL A 23 9.13 16.56 -5.30
C VAL A 23 10.51 16.69 -5.96
N MET A 24 10.53 17.18 -7.20
CA MET A 24 11.80 17.42 -7.88
C MET A 24 12.61 18.47 -7.15
N GLU A 25 13.87 18.14 -6.85
CA GLU A 25 14.83 19.10 -6.31
C GLU A 25 16.08 19.03 -7.17
N GLY A 26 16.27 20.02 -8.03
CA GLY A 26 17.38 19.93 -8.99
C GLY A 26 17.06 18.88 -10.03
N LYS A 27 17.99 17.95 -10.24
CA LYS A 27 17.87 16.93 -11.27
C LYS A 27 17.37 15.60 -10.75
N GLN A 28 16.99 15.52 -9.47
CA GLN A 28 16.49 14.26 -8.91
C GLN A 28 15.28 14.54 -8.03
N ALA A 29 14.40 13.55 -7.95
CA ALA A 29 13.27 13.61 -7.04
C ALA A 29 13.72 13.38 -5.61
N LYS A 30 13.13 14.13 -4.67
CA LYS A 30 13.40 13.99 -3.24
C LYS A 30 12.13 13.50 -2.53
N VAL A 31 12.24 12.36 -1.86
CA VAL A 31 11.13 11.83 -1.06
C VAL A 31 11.13 12.56 0.28
N LEU A 32 9.95 12.98 0.73
CA LEU A 32 9.86 13.86 1.90
C LEU A 32 9.41 13.06 3.12
N GLU A 33 10.00 13.36 4.27
CA GLU A 33 9.64 12.65 5.48
C GLU A 33 8.66 13.49 6.30
N ASN A 34 7.73 12.81 6.96
CA ASN A 34 6.70 13.50 7.73
C ASN A 34 7.27 13.96 9.07
N ALA A 35 6.39 14.52 9.91
CA ALA A 35 6.81 15.06 11.20
C ALA A 35 7.34 13.99 12.14
N GLU A 36 6.94 12.73 11.92
CA GLU A 36 7.42 11.58 12.68
C GLU A 36 8.72 11.01 12.14
N GLY A 37 9.31 11.63 11.11
CA GLY A 37 10.56 11.15 10.53
C GLY A 37 10.42 10.06 9.49
N ALA A 38 9.20 9.67 9.14
CA ALA A 38 8.98 8.52 8.25
C ALA A 38 8.76 9.01 6.83
N ARG A 39 9.29 8.26 5.86
CA ARG A 39 9.15 8.62 4.47
C ARG A 39 7.89 8.05 3.81
N THR A 40 7.08 7.30 4.55
CA THR A 40 5.75 6.91 4.12
C THR A 40 4.79 7.11 5.29
N THR A 41 3.50 7.20 4.96
CA THR A 41 2.43 7.52 5.89
C THR A 41 1.30 6.51 5.71
N PRO A 42 0.83 5.86 6.78
CA PRO A 42 -0.31 4.94 6.63
C PRO A 42 -1.55 5.66 6.14
N SER A 43 -2.20 5.08 5.12
CA SER A 43 -3.42 5.64 4.57
C SER A 43 -4.59 5.21 5.46
N VAL A 44 -4.53 5.68 6.72
CA VAL A 44 -5.43 5.23 7.77
C VAL A 44 -6.01 6.46 8.47
N VAL A 45 -7.32 6.45 8.68
CA VAL A 45 -8.05 7.56 9.29
C VAL A 45 -9.00 6.95 10.32
N ALA A 46 -9.02 7.52 11.52
CA ALA A 46 -9.84 6.97 12.60
C ALA A 46 -10.47 8.11 13.40
N PHE A 47 -11.60 7.79 14.03
CA PHE A 47 -12.29 8.71 14.92
C PHE A 47 -12.47 8.04 16.27
N THR A 48 -12.00 8.69 17.32
CA THR A 48 -12.09 8.14 18.67
C THR A 48 -13.49 8.36 19.23
N ALA A 49 -13.71 7.78 20.42
CA ALA A 49 -15.04 7.87 21.05
C ALA A 49 -15.47 9.31 21.23
N ASP A 50 -14.54 10.21 21.54
CA ASP A 50 -14.87 11.63 21.70
C ASP A 50 -15.08 12.34 20.36
N GLY A 51 -14.75 11.71 19.24
CA GLY A 51 -14.89 12.34 17.95
C GLY A 51 -13.68 13.08 17.43
N GLU A 52 -12.52 12.95 18.08
CA GLU A 52 -11.27 13.46 17.51
C GLU A 52 -10.85 12.58 16.33
N ARG A 53 -10.17 13.20 15.37
CA ARG A 53 -9.72 12.51 14.16
C ARG A 53 -8.23 12.19 14.25
N LEU A 54 -7.87 10.96 13.84
CA LEU A 54 -6.50 10.51 13.79
C LEU A 54 -6.14 10.12 12.35
N VAL A 55 -4.94 10.50 11.89
CA VAL A 55 -4.50 10.19 10.55
C VAL A 55 -3.08 9.65 10.62
N GLY A 56 -2.79 8.64 9.80
CA GLY A 56 -1.46 8.11 9.69
C GLY A 56 -1.09 7.20 10.84
N MET A 57 0.16 7.28 11.30
CA MET A 57 0.62 6.37 12.34
C MET A 57 -0.24 6.38 13.60
N PRO A 58 -0.71 7.52 14.12
CA PRO A 58 -1.63 7.47 15.27
C PRO A 58 -2.86 6.62 15.04
N ALA A 59 -3.46 6.68 13.84
CA ALA A 59 -4.65 5.89 13.61
C ALA A 59 -4.29 4.42 13.50
N LYS A 60 -3.19 4.12 12.82
CA LYS A 60 -2.74 2.74 12.69
C LYS A 60 -2.53 2.10 14.06
N ARG A 61 -1.93 2.85 15.00
CA ARG A 61 -1.58 2.31 16.31
C ARG A 61 -2.79 1.95 17.16
N GLN A 62 -4.02 2.26 16.73
CA GLN A 62 -5.20 1.87 17.49
C GLN A 62 -6.20 1.12 16.60
N ALA A 63 -5.75 0.65 15.43
CA ALA A 63 -6.65 0.00 14.49
C ALA A 63 -7.30 -1.22 15.11
N VAL A 64 -6.56 -1.97 15.92
CA VAL A 64 -7.06 -3.24 16.44
C VAL A 64 -7.94 -3.05 17.66
N THR A 65 -7.68 -2.02 18.47
CA THR A 65 -8.53 -1.78 19.63
C THR A 65 -9.77 -0.96 19.28
N ASN A 66 -9.77 -0.26 18.14
CA ASN A 66 -10.87 0.57 17.67
C ASN A 66 -11.34 0.14 16.29
N PRO A 67 -11.65 -1.14 16.07
CA PRO A 67 -11.90 -1.60 14.68
C PRO A 67 -13.13 -0.96 14.04
N ASN A 68 -14.14 -0.58 14.82
CA ASN A 68 -15.38 -0.11 14.20
C ASN A 68 -15.22 1.27 13.57
N ASN A 69 -14.29 2.08 14.08
CA ASN A 69 -14.15 3.48 13.72
C ASN A 69 -12.79 3.80 13.10
N THR A 70 -12.09 2.78 12.59
CA THR A 70 -10.82 2.95 11.92
C THR A 70 -11.01 2.59 10.46
N PHE A 71 -10.82 3.56 9.57
CA PHE A 71 -10.95 3.35 8.13
C PHE A 71 -9.60 3.01 7.52
N TYR A 72 -9.55 1.92 6.77
CA TYR A 72 -8.32 1.49 6.13
C TYR A 72 -8.65 0.84 4.80
N ALA A 73 -7.68 0.89 3.88
CA ALA A 73 -7.88 0.37 2.52
C ALA A 73 -9.15 0.93 1.88
N THR A 74 -9.51 2.20 2.18
CA THR A 74 -10.67 2.79 1.51
C THR A 74 -10.45 3.06 0.02
N LYS A 75 -9.19 3.05 -0.44
CA LYS A 75 -8.93 3.07 -1.88
C LYS A 75 -9.65 1.94 -2.62
N ARG A 76 -10.04 0.88 -1.93
CA ARG A 76 -10.86 -0.16 -2.53
C ARG A 76 -12.28 0.30 -2.79
N LEU A 77 -12.71 1.41 -2.19
CA LEU A 77 -14.07 1.89 -2.36
C LEU A 77 -14.17 3.13 -3.24
N ILE A 78 -13.05 3.83 -3.46
CA ILE A 78 -13.14 5.19 -4.00
C ILE A 78 -13.66 5.11 -5.44
N GLY A 79 -14.68 5.90 -5.74
CA GLY A 79 -15.25 5.93 -7.07
C GLY A 79 -16.10 4.74 -7.43
N ARG A 80 -16.49 3.93 -6.45
CA ARG A 80 -17.26 2.72 -6.69
C ARG A 80 -18.70 2.79 -6.18
N ARG A 81 -19.61 2.15 -6.92
CA ARG A 81 -20.98 1.97 -6.47
C ARG A 81 -21.02 0.97 -5.31
N TYR A 82 -21.98 1.18 -4.40
CA TYR A 82 -22.16 0.22 -3.30
C TYR A 82 -22.37 -1.20 -3.81
N ASP A 83 -23.05 -1.38 -4.94
CA ASP A 83 -23.36 -2.73 -5.42
C ASP A 83 -22.23 -3.35 -6.24
N ASP A 84 -21.17 -2.59 -6.52
CA ASP A 84 -19.96 -3.15 -7.11
C ASP A 84 -19.57 -4.42 -6.34
N PRO A 85 -19.33 -5.55 -7.02
CA PRO A 85 -18.96 -6.77 -6.27
C PRO A 85 -17.69 -6.61 -5.46
N GLU A 86 -16.80 -5.73 -5.87
CA GLU A 86 -15.61 -5.44 -5.09
C GLU A 86 -15.94 -4.82 -3.77
N VAL A 87 -16.88 -3.91 -3.74
CA VAL A 87 -17.31 -3.30 -2.48
C VAL A 87 -17.96 -4.35 -1.58
N GLN A 88 -18.81 -5.20 -2.15
CA GLN A 88 -19.42 -6.25 -1.35
C GLN A 88 -18.37 -7.20 -0.81
N LYS A 89 -17.36 -7.52 -1.63
CA LYS A 89 -16.26 -8.33 -1.13
C LYS A 89 -15.49 -7.60 -0.03
N ASP A 90 -15.33 -6.28 -0.15
CA ASP A 90 -14.65 -5.53 0.90
C ASP A 90 -15.44 -5.57 2.20
N ILE A 91 -16.77 -5.57 2.11
CA ILE A 91 -17.59 -5.57 3.33
C ILE A 91 -17.35 -6.85 4.13
N LYS A 92 -17.15 -7.97 3.44
CA LYS A 92 -16.90 -9.25 4.10
C LYS A 92 -15.51 -9.30 4.75
N ASN A 93 -14.60 -8.43 4.34
CA ASN A 93 -13.21 -8.51 4.78
C ASN A 93 -12.80 -7.42 5.74
N VAL A 94 -13.61 -6.37 5.92
CA VAL A 94 -13.25 -5.28 6.83
C VAL A 94 -14.35 -5.13 7.88
N PRO A 95 -14.01 -4.67 9.09
CA PRO A 95 -15.01 -4.59 10.16
C PRO A 95 -15.72 -3.25 10.29
N PHE A 96 -15.21 -2.17 9.71
CA PHE A 96 -15.91 -0.90 9.80
C PHE A 96 -17.08 -0.86 8.82
N LYS A 97 -18.02 0.07 9.07
CA LYS A 97 -19.27 0.07 8.34
C LYS A 97 -19.13 0.75 6.98
N ILE A 98 -19.50 0.02 5.93
CA ILE A 98 -19.60 0.53 4.57
C ILE A 98 -21.07 0.67 4.25
N VAL A 99 -21.50 1.84 3.77
CA VAL A 99 -22.90 2.14 3.60
C VAL A 99 -23.20 2.70 2.21
N ARG A 100 -24.46 2.60 1.82
CA ARG A 100 -24.95 3.14 0.55
C ARG A 100 -25.28 4.63 0.73
N ALA A 101 -24.59 5.49 0.01
CA ALA A 101 -24.83 6.93 0.08
C ALA A 101 -26.15 7.28 -0.59
N SER A 102 -26.51 8.56 -0.55
CA SER A 102 -27.67 9.04 -1.28
C SER A 102 -27.60 8.71 -2.77
N ASN A 103 -26.48 8.70 -3.42
CA ASN A 103 -26.55 8.47 -4.83
C ASN A 103 -26.30 7.01 -5.23
N GLY A 104 -26.29 6.14 -4.23
CA GLY A 104 -25.93 4.73 -4.38
C GLY A 104 -24.44 4.44 -4.34
N ASP A 105 -23.63 5.46 -4.07
CA ASP A 105 -22.20 5.28 -4.00
C ASP A 105 -21.82 4.58 -2.69
N ALA A 106 -20.64 3.95 -2.70
CA ALA A 106 -20.15 3.25 -1.51
C ALA A 106 -19.45 4.24 -0.59
N TRP A 107 -19.97 4.38 0.62
CA TRP A 107 -19.45 5.33 1.60
C TRP A 107 -19.12 4.59 2.88
N VAL A 108 -18.49 5.30 3.84
CA VAL A 108 -18.16 4.72 5.12
C VAL A 108 -18.84 5.51 6.23
N GLU A 109 -18.95 4.89 7.40
CA GLU A 109 -19.70 5.46 8.51
C GLU A 109 -19.03 5.09 9.84
N ALA A 110 -18.87 6.09 10.71
CA ALA A 110 -18.44 5.87 12.09
C ALA A 110 -19.16 6.87 12.98
N HIS A 111 -19.62 6.39 14.14
CA HIS A 111 -20.33 7.22 15.12
C HIS A 111 -21.46 8.02 14.48
N GLY A 112 -22.26 7.36 13.63
CA GLY A 112 -23.37 8.02 12.99
C GLY A 112 -23.02 9.01 11.91
N LYS A 113 -21.74 9.25 11.64
CA LYS A 113 -21.33 10.21 10.62
C LYS A 113 -20.85 9.48 9.36
N LEU A 114 -21.21 10.00 8.20
CA LEU A 114 -20.91 9.41 6.91
C LEU A 114 -19.74 10.14 6.23
N TYR A 115 -18.92 9.39 5.51
CA TYR A 115 -17.81 9.97 4.78
C TYR A 115 -17.68 9.30 3.43
N SER A 116 -17.38 10.08 2.41
CA SER A 116 -17.09 9.46 1.15
C SER A 116 -15.63 9.01 1.14
N PRO A 117 -15.29 8.01 0.32
CA PRO A 117 -13.89 7.62 0.21
C PRO A 117 -13.00 8.77 -0.25
N SER A 118 -13.54 9.76 -0.96
CA SER A 118 -12.73 10.91 -1.34
C SER A 118 -12.40 11.77 -0.13
N GLN A 119 -13.35 11.91 0.80
CA GLN A 119 -13.07 12.60 2.06
C GLN A 119 -12.03 11.85 2.91
N ILE A 120 -12.10 10.52 2.94
CA ILE A 120 -11.07 9.79 3.68
C ILE A 120 -9.72 9.96 2.98
N GLY A 121 -9.70 9.83 1.65
CA GLY A 121 -8.47 10.08 0.93
C GLY A 121 -7.94 11.49 1.17
N ALA A 122 -8.84 12.47 1.18
CA ALA A 122 -8.42 13.84 1.40
C ALA A 122 -7.73 14.03 2.75
N PHE A 123 -8.23 13.38 3.80
CA PHE A 123 -7.56 13.47 5.09
C PHE A 123 -6.11 12.97 5.00
N VAL A 124 -5.91 11.86 4.29
CA VAL A 124 -4.55 11.35 4.05
C VAL A 124 -3.74 12.34 3.23
N LEU A 125 -4.33 12.87 2.15
CA LEU A 125 -3.62 13.83 1.30
C LEU A 125 -3.31 15.12 2.05
N MET A 126 -4.18 15.56 2.92
CA MET A 126 -3.95 16.69 3.82
C MET A 126 -2.61 16.58 4.55
N LYS A 127 -2.41 15.41 5.14
CA LYS A 127 -1.15 15.05 5.77
C LYS A 127 0.02 15.03 4.78
N MET A 128 -0.20 14.49 3.58
CA MET A 128 0.87 14.45 2.61
C MET A 128 1.26 15.89 2.29
N LYS A 129 0.27 16.76 2.23
CA LYS A 129 0.46 18.16 1.86
C LYS A 129 1.21 18.91 2.94
N GLU A 130 0.85 18.70 4.21
CA GLU A 130 1.58 19.31 5.31
C GLU A 130 3.04 18.91 5.28
N THR A 131 3.30 17.62 5.03
CA THR A 131 4.67 17.13 4.91
C THR A 131 5.41 17.86 3.80
N ALA A 132 4.76 18.03 2.65
CA ALA A 132 5.41 18.73 1.53
C ALA A 132 5.65 20.20 1.86
N GLU A 133 4.72 20.83 2.57
CA GLU A 133 4.87 22.27 2.80
C GLU A 133 5.97 22.57 3.81
N ASN A 134 6.21 21.67 4.78
CA ASN A 134 7.39 21.81 5.64
C ASN A 134 8.65 22.00 4.80
N TYR A 135 8.87 21.11 3.83
CA TYR A 135 10.03 21.20 2.95
C TYR A 135 9.99 22.44 2.07
N LEU A 136 8.85 22.71 1.44
CA LEU A 136 8.78 23.75 0.42
C LEU A 136 8.90 25.16 0.99
N GLY A 137 8.39 25.39 2.20
CA GLY A 137 8.36 26.72 2.76
C GLY A 137 7.22 27.60 2.28
N HIS A 138 6.21 27.01 1.62
CA HIS A 138 5.05 27.77 1.17
C HIS A 138 3.95 26.76 0.85
N THR A 139 2.76 27.27 0.57
CA THR A 139 1.63 26.41 0.24
C THR A 139 1.90 25.62 -1.03
N ALA A 140 1.54 24.33 -1.00
CA ALA A 140 1.61 23.48 -2.19
C ALA A 140 0.30 23.62 -2.96
N LYS A 141 0.39 24.07 -4.21
CA LYS A 141 -0.81 24.34 -5.00
C LYS A 141 -1.13 23.23 -6.00
N ASN A 142 -0.11 22.59 -6.56
CA ASN A 142 -0.27 21.73 -7.73
C ASN A 142 0.19 20.31 -7.46
N ALA A 143 -0.62 19.33 -7.83
CA ALA A 143 -0.32 17.96 -7.45
C ALA A 143 -0.45 16.96 -8.59
N VAL A 144 0.44 15.99 -8.60
CA VAL A 144 0.30 14.84 -9.47
C VAL A 144 0.04 13.66 -8.54
N ILE A 145 -1.09 12.99 -8.75
CA ILE A 145 -1.48 11.87 -7.91
C ILE A 145 -1.57 10.62 -8.78
N THR A 146 -0.97 9.53 -8.32
CA THR A 146 -1.00 8.27 -9.05
C THR A 146 -2.23 7.44 -8.69
N VAL A 147 -2.67 6.62 -9.64
CA VAL A 147 -3.76 5.67 -9.48
C VAL A 147 -3.35 4.34 -10.11
N PRO A 148 -4.03 3.25 -9.73
CA PRO A 148 -3.77 1.97 -10.41
C PRO A 148 -4.18 2.05 -11.86
N ALA A 149 -3.52 1.23 -12.68
CA ALA A 149 -3.82 1.19 -14.11
C ALA A 149 -5.25 0.77 -14.38
N TYR A 150 -5.83 -0.07 -13.52
CA TYR A 150 -7.18 -0.58 -13.78
C TYR A 150 -8.27 0.38 -13.34
N PHE A 151 -7.93 1.51 -12.71
CA PHE A 151 -8.92 2.50 -12.30
C PHE A 151 -9.67 3.01 -13.51
N ASN A 152 -11.00 3.07 -13.38
CA ASN A 152 -11.84 3.58 -14.45
C ASN A 152 -12.03 5.08 -14.25
N ASP A 153 -12.90 5.68 -15.09
CA ASP A 153 -13.04 7.13 -15.06
C ASP A 153 -13.61 7.62 -13.73
N SER A 154 -14.59 6.91 -13.19
CA SER A 154 -15.15 7.39 -11.92
C SER A 154 -14.14 7.25 -10.79
N GLN A 155 -13.26 6.26 -10.86
CA GLN A 155 -12.25 6.09 -9.83
C GLN A 155 -11.15 7.15 -9.95
N ARG A 156 -10.79 7.52 -11.18
CA ARG A 156 -9.85 8.63 -11.37
C ARG A 156 -10.46 9.95 -10.90
N GLN A 157 -11.71 10.21 -11.29
CA GLN A 157 -12.36 11.46 -10.90
C GLN A 157 -12.46 11.58 -9.37
N ALA A 158 -12.82 10.50 -8.68
CA ALA A 158 -12.95 10.57 -7.23
C ALA A 158 -11.59 10.74 -6.54
N THR A 159 -10.51 10.28 -7.18
CA THR A 159 -9.16 10.56 -6.67
C THR A 159 -8.78 12.02 -6.90
N LYS A 160 -9.10 12.58 -8.09
CA LYS A 160 -8.91 14.01 -8.28
C LYS A 160 -9.70 14.82 -7.25
N ASP A 161 -10.95 14.43 -6.97
CA ASP A 161 -11.75 15.22 -6.03
C ASP A 161 -11.21 15.13 -4.62
N ALA A 162 -10.63 13.99 -4.25
CA ALA A 162 -9.89 13.90 -3.00
C ALA A 162 -8.79 14.94 -2.95
N GLY A 163 -8.01 15.07 -4.04
CA GLY A 163 -6.98 16.09 -4.10
C GLY A 163 -7.54 17.49 -3.90
N GLN A 164 -8.60 17.81 -4.65
CA GLN A 164 -9.24 19.12 -4.52
C GLN A 164 -9.70 19.38 -3.09
N ILE A 165 -10.27 18.36 -2.43
CA ILE A 165 -10.73 18.57 -1.06
C ILE A 165 -9.57 18.97 -0.16
N SER A 166 -8.38 18.42 -0.39
CA SER A 166 -7.22 18.83 0.40
C SER A 166 -6.61 20.13 -0.07
N GLY A 167 -7.15 20.77 -1.10
CA GLY A 167 -6.63 22.03 -1.61
C GLY A 167 -5.65 21.89 -2.76
N LEU A 168 -5.52 20.70 -3.33
CA LEU A 168 -4.53 20.45 -4.37
C LEU A 168 -5.22 20.50 -5.73
N ASN A 169 -4.65 21.27 -6.64
CA ASN A 169 -5.02 21.21 -8.04
C ASN A 169 -4.34 20.01 -8.68
N VAL A 170 -5.09 18.97 -8.99
CA VAL A 170 -4.48 17.75 -9.51
C VAL A 170 -4.28 17.97 -11.01
N LEU A 171 -3.08 18.41 -11.39
CA LEU A 171 -2.78 18.68 -12.79
C LEU A 171 -2.92 17.42 -13.64
N ARG A 172 -2.60 16.25 -13.10
CA ARG A 172 -2.70 15.02 -13.89
C ARG A 172 -2.70 13.83 -12.94
N VAL A 173 -3.45 12.80 -13.35
CA VAL A 173 -3.41 11.50 -12.70
C VAL A 173 -2.73 10.53 -13.68
N ILE A 174 -1.72 9.80 -13.20
CA ILE A 174 -1.01 8.80 -14.01
C ILE A 174 -1.01 7.46 -13.29
N ASN A 175 -0.92 6.39 -14.08
CA ASN A 175 -0.93 5.03 -13.56
C ASN A 175 0.31 4.73 -12.74
N GLU A 176 0.12 3.98 -11.66
CA GLU A 176 1.25 3.64 -10.80
C GLU A 176 2.36 2.87 -11.52
N PRO A 177 2.09 1.86 -12.36
CA PRO A 177 3.23 1.19 -13.02
C PRO A 177 4.00 2.08 -13.99
N THR A 178 3.34 3.06 -14.62
CA THR A 178 4.08 4.02 -15.45
C THR A 178 4.91 4.96 -14.57
N ALA A 179 4.34 5.40 -13.46
CA ALA A 179 5.10 6.23 -12.52
C ALA A 179 6.36 5.50 -12.07
N ALA A 180 6.24 4.21 -11.73
CA ALA A 180 7.38 3.42 -11.32
C ALA A 180 8.41 3.30 -12.45
N ALA A 181 7.94 3.05 -13.68
CA ALA A 181 8.85 2.98 -14.81
C ALA A 181 9.61 4.28 -14.98
N LEU A 182 8.94 5.43 -14.76
CA LEU A 182 9.62 6.73 -14.80
C LEU A 182 10.74 6.81 -13.76
N ALA A 183 10.49 6.30 -12.55
CA ALA A 183 11.52 6.29 -11.52
C ALA A 183 12.75 5.49 -11.95
N TYR A 184 12.59 4.56 -12.89
CA TYR A 184 13.70 3.75 -13.35
C TYR A 184 14.33 4.26 -14.62
N GLY A 185 13.90 5.43 -15.13
CA GLY A 185 14.52 5.98 -16.32
C GLY A 185 14.10 5.36 -17.64
N LEU A 186 13.02 4.58 -17.64
CA LEU A 186 12.56 3.87 -18.83
C LEU A 186 11.87 4.79 -19.82
N ASP A 187 11.83 6.08 -19.50
CA ASP A 187 11.14 7.10 -20.27
C ASP A 187 11.74 7.26 -21.67
N LYS A 188 13.02 6.95 -21.85
CA LYS A 188 13.73 7.11 -23.11
C LYS A 188 13.88 5.80 -23.88
N SER A 189 13.20 4.73 -23.44
CA SER A 189 13.38 3.42 -24.05
C SER A 189 12.85 3.39 -25.49
N GLU A 190 13.66 2.85 -26.40
CA GLU A 190 13.23 2.78 -27.80
C GLU A 190 12.21 1.67 -28.01
N ASP A 191 12.44 0.50 -27.42
CA ASP A 191 11.53 -0.64 -27.59
C ASP A 191 11.86 -1.64 -26.49
N LYS A 192 10.91 -1.84 -25.57
CA LYS A 192 11.21 -2.56 -24.34
C LYS A 192 9.89 -2.96 -23.68
N VAL A 193 9.78 -4.22 -23.29
CA VAL A 193 8.60 -4.68 -22.56
C VAL A 193 8.96 -4.79 -21.09
N ILE A 194 8.05 -4.34 -20.22
CA ILE A 194 8.29 -4.18 -18.79
C ILE A 194 7.24 -4.97 -18.02
N ALA A 195 7.65 -5.67 -16.98
CA ALA A 195 6.74 -6.23 -16.00
C ALA A 195 6.86 -5.45 -14.70
N VAL A 196 5.73 -5.01 -14.16
CA VAL A 196 5.70 -4.26 -12.90
C VAL A 196 4.98 -5.13 -11.88
N TYR A 197 5.75 -5.71 -10.96
CA TYR A 197 5.24 -6.56 -9.89
C TYR A 197 5.11 -5.71 -8.63
N ASP A 198 3.87 -5.50 -8.19
CA ASP A 198 3.57 -4.50 -7.16
C ASP A 198 2.81 -5.19 -6.02
N LEU A 199 3.54 -5.54 -4.95
CA LEU A 199 2.96 -6.18 -3.78
C LEU A 199 3.06 -5.17 -2.64
N GLY A 200 1.95 -4.52 -2.36
CA GLY A 200 1.90 -3.53 -1.31
C GLY A 200 1.37 -4.10 -0.01
N GLY A 201 0.96 -3.21 0.88
CA GLY A 201 0.42 -3.62 2.15
C GLY A 201 -1.00 -4.14 2.07
N GLY A 202 -1.70 -3.83 0.98
CA GLY A 202 -3.10 -4.17 0.90
C GLY A 202 -3.50 -4.90 -0.37
N THR A 203 -2.75 -4.71 -1.45
CA THR A 203 -3.18 -5.19 -2.75
C THR A 203 -1.97 -5.68 -3.52
N PHE A 204 -2.24 -6.52 -4.51
CA PHE A 204 -1.21 -7.00 -5.42
C PHE A 204 -1.61 -6.68 -6.85
N ASP A 205 -0.68 -6.07 -7.60
CA ASP A 205 -0.88 -5.73 -9.00
C ASP A 205 0.30 -6.21 -9.83
N ILE A 206 0.01 -6.78 -11.00
CA ILE A 206 1.03 -7.06 -12.02
C ILE A 206 0.58 -6.36 -13.30
N SER A 207 1.48 -5.59 -13.90
CA SER A 207 1.16 -4.89 -15.14
C SER A 207 2.25 -5.16 -16.16
N ILE A 208 1.86 -5.34 -17.41
CA ILE A 208 2.78 -5.50 -18.53
C ILE A 208 2.72 -4.23 -19.36
N LEU A 209 3.83 -3.51 -19.44
CA LEU A 209 3.91 -2.25 -20.17
C LEU A 209 4.79 -2.44 -21.38
N GLU A 210 4.45 -1.75 -22.46
CA GLU A 210 5.34 -1.65 -23.62
C GLU A 210 5.71 -0.19 -23.76
N ILE A 211 7.00 0.08 -23.93
CA ILE A 211 7.51 1.42 -24.16
C ILE A 211 8.10 1.45 -25.56
N GLN A 212 7.60 2.36 -26.40
CA GLN A 212 8.07 2.50 -27.78
C GLN A 212 8.34 3.97 -28.00
N LYS A 213 9.61 4.33 -28.20
CA LYS A 213 10.00 5.73 -28.42
C LYS A 213 9.37 6.63 -27.36
N GLY A 214 9.43 6.16 -26.12
CA GLY A 214 8.95 6.94 -24.99
C GLY A 214 7.46 6.98 -24.82
N VAL A 215 6.71 6.19 -25.59
CA VAL A 215 5.26 6.11 -25.40
C VAL A 215 4.97 4.85 -24.60
N PHE A 216 4.25 5.01 -23.49
CA PHE A 216 3.90 3.88 -22.63
C PHE A 216 2.56 3.32 -23.05
N GLU A 217 2.50 2.00 -23.23
CA GLU A 217 1.21 1.35 -23.41
C GLU A 217 1.08 0.26 -22.36
N VAL A 218 -0.08 0.22 -21.70
CA VAL A 218 -0.37 -0.84 -20.74
C VAL A 218 -0.99 -2.00 -21.51
N LYS A 219 -0.24 -3.10 -21.64
CA LYS A 219 -0.71 -4.21 -22.45
C LYS A 219 -1.63 -5.16 -21.69
N SER A 220 -1.41 -5.34 -20.39
CA SER A 220 -2.31 -6.19 -19.59
C SER A 220 -2.17 -5.83 -18.11
N THR A 221 -3.21 -6.18 -17.36
CA THR A 221 -3.35 -5.86 -15.94
C THR A 221 -3.97 -7.05 -15.24
N ASN A 222 -3.43 -7.41 -14.06
CA ASN A 222 -4.03 -8.44 -13.23
C ASN A 222 -3.56 -8.24 -11.79
N GLY A 223 -4.15 -9.01 -10.91
CA GLY A 223 -3.69 -9.04 -9.53
C GLY A 223 -4.76 -9.60 -8.61
N ASP A 224 -4.75 -9.11 -7.37
CA ASP A 224 -5.68 -9.57 -6.34
C ASP A 224 -5.83 -8.39 -5.39
N THR A 225 -7.00 -7.73 -5.39
CA THR A 225 -7.17 -6.54 -4.55
C THR A 225 -7.21 -6.89 -3.08
N PHE A 226 -7.16 -8.17 -2.72
CA PHE A 226 -7.24 -8.59 -1.33
C PHE A 226 -6.05 -9.46 -0.96
N LEU A 227 -4.88 -9.13 -1.49
CA LEU A 227 -3.62 -9.82 -1.20
C LEU A 227 -2.56 -8.76 -0.94
N GLY A 228 -2.16 -8.62 0.32
CA GLY A 228 -1.14 -7.62 0.61
C GLY A 228 -0.35 -8.03 1.83
N GLY A 229 0.67 -7.23 2.14
CA GLY A 229 1.48 -7.46 3.32
C GLY A 229 0.70 -7.55 4.61
N GLU A 230 -0.42 -6.85 4.70
CA GLU A 230 -1.22 -6.93 5.91
C GLU A 230 -1.72 -8.36 6.14
N ASP A 231 -1.89 -9.14 5.06
CA ASP A 231 -2.27 -10.53 5.20
C ASP A 231 -1.09 -11.39 5.65
N PHE A 232 0.12 -11.06 5.20
CA PHE A 232 1.31 -11.72 5.75
C PHE A 232 1.37 -11.51 7.25
N ASP A 233 1.09 -10.28 7.71
CA ASP A 233 1.12 -9.98 9.14
C ASP A 233 0.04 -10.75 9.87
N GLN A 234 -1.17 -10.80 9.29
CA GLN A 234 -2.28 -11.48 9.96
C GLN A 234 -2.00 -12.98 10.07
N ALA A 235 -1.38 -13.57 9.06
CA ALA A 235 -1.09 -15.00 9.10
C ALA A 235 -0.06 -15.31 10.17
N LEU A 236 0.93 -14.43 10.33
CA LEU A 236 1.89 -14.59 11.43
C LEU A 236 1.21 -14.34 12.78
N LEU A 237 0.20 -13.48 12.83
CA LEU A 237 -0.54 -13.28 14.08
C LEU A 237 -1.27 -14.55 14.49
N ARG A 238 -2.01 -15.16 13.55
CA ARG A 238 -2.76 -16.36 13.88
C ARG A 238 -1.83 -17.48 14.33
N HIS A 239 -0.65 -17.58 13.73
CA HIS A 239 0.31 -18.59 14.15
C HIS A 239 0.85 -18.28 15.54
N ILE A 240 1.03 -16.99 15.86
CA ILE A 240 1.50 -16.64 17.19
C ILE A 240 0.41 -16.95 18.22
N VAL A 241 -0.84 -16.56 17.93
CA VAL A 241 -1.93 -16.80 18.86
C VAL A 241 -2.04 -18.30 19.16
N LYS A 242 -1.89 -19.14 18.13
CA LYS A 242 -2.07 -20.58 18.32
C LYS A 242 -0.95 -21.19 19.13
N GLU A 243 0.31 -20.85 18.81
CA GLU A 243 1.42 -21.36 19.62
C GLU A 243 1.33 -20.88 21.06
N PHE A 244 0.82 -19.67 21.28
CA PHE A 244 0.61 -19.18 22.64
C PHE A 244 -0.45 -19.99 23.36
N LYS A 245 -1.59 -20.25 22.72
CA LYS A 245 -2.64 -21.02 23.37
C LYS A 245 -2.21 -22.43 23.73
N ARG A 246 -1.12 -22.87 23.13
CA ARG A 246 -0.62 -24.21 23.31
C ARG A 246 0.33 -24.24 24.49
N GLU A 247 1.37 -23.44 24.47
CA GLU A 247 2.36 -23.39 25.54
C GLU A 247 1.77 -22.88 26.85
N THR A 248 0.74 -22.02 26.81
CA THR A 248 0.19 -21.44 28.04
C THR A 248 -1.26 -21.79 28.33
N GLY A 249 -2.02 -22.28 27.36
CA GLY A 249 -3.45 -22.45 27.56
C GLY A 249 -4.27 -21.17 27.55
N VAL A 250 -3.66 -20.01 27.36
CA VAL A 250 -4.39 -18.74 27.32
C VAL A 250 -4.69 -18.38 25.87
N ASP A 251 -5.95 -18.00 25.61
CA ASP A 251 -6.42 -17.69 24.27
C ASP A 251 -6.58 -16.19 24.12
N LEU A 252 -5.79 -15.59 23.22
CA LEU A 252 -5.71 -14.15 23.07
C LEU A 252 -6.77 -13.55 22.15
N THR A 253 -7.51 -14.37 21.40
CA THR A 253 -8.38 -13.85 20.34
C THR A 253 -9.38 -12.83 20.86
N LYS A 254 -9.82 -12.96 22.11
CA LYS A 254 -10.80 -12.05 22.69
C LYS A 254 -10.18 -10.80 23.32
N ASP A 255 -8.87 -10.60 23.14
CA ASP A 255 -8.10 -9.58 23.84
C ASP A 255 -7.54 -8.59 22.83
N ASN A 256 -8.31 -7.55 22.49
CA ASN A 256 -7.91 -6.65 21.42
C ASN A 256 -6.70 -5.80 21.81
N MET A 257 -6.50 -5.54 23.10
CA MET A 257 -5.31 -4.82 23.53
C MET A 257 -4.05 -5.66 23.30
N ALA A 258 -4.11 -6.96 23.59
CA ALA A 258 -2.98 -7.84 23.32
C ALA A 258 -2.78 -8.07 21.83
N LEU A 259 -3.87 -8.29 21.09
CA LEU A 259 -3.76 -8.53 19.65
C LEU A 259 -3.14 -7.31 18.94
N GLN A 260 -3.45 -6.10 19.40
CA GLN A 260 -2.79 -4.94 18.83
C GLN A 260 -1.28 -5.02 19.01
N ARG A 261 -0.83 -5.46 20.19
CA ARG A 261 0.60 -5.67 20.39
C ARG A 261 1.13 -6.78 19.49
N VAL A 262 0.35 -7.85 19.29
CA VAL A 262 0.84 -8.95 18.48
C VAL A 262 0.94 -8.53 17.03
N ARG A 263 -0.07 -7.80 16.52
CA ARG A 263 0.01 -7.34 15.14
C ARG A 263 1.23 -6.45 14.94
N GLU A 264 1.51 -5.55 15.88
CA GLU A 264 2.72 -4.76 15.79
C GLU A 264 3.95 -5.64 15.80
N ALA A 265 4.00 -6.63 16.70
CA ALA A 265 5.12 -7.54 16.73
C ALA A 265 5.22 -8.34 15.43
N ALA A 266 4.09 -8.78 14.88
CA ALA A 266 4.16 -9.61 13.68
C ALA A 266 4.76 -8.86 12.51
N GLU A 267 4.39 -7.58 12.36
CA GLU A 267 4.91 -6.79 11.26
C GLU A 267 6.38 -6.46 11.44
N LYS A 268 6.77 -6.07 12.66
CA LYS A 268 8.18 -5.92 12.98
C LYS A 268 8.99 -7.18 12.66
N ALA A 269 8.52 -8.33 13.14
CA ALA A 269 9.25 -9.58 12.92
C ALA A 269 9.40 -9.89 11.43
N LYS A 270 8.30 -9.76 10.70
CA LYS A 270 8.32 -10.00 9.26
C LYS A 270 9.45 -9.22 8.61
N CYS A 271 9.53 -7.94 8.93
CA CYS A 271 10.52 -7.09 8.30
C CYS A 271 11.96 -7.40 8.70
N GLU A 272 12.17 -7.80 9.95
CA GLU A 272 13.52 -8.21 10.34
C GLU A 272 13.98 -9.43 9.53
N LEU A 273 13.06 -10.36 9.25
CA LEU A 273 13.39 -11.57 8.50
C LEU A 273 13.71 -11.30 7.04
N SER A 274 13.52 -10.08 6.56
CA SER A 274 13.98 -9.76 5.22
C SER A 274 15.51 -9.70 5.17
N SER A 275 16.12 -9.45 6.32
CA SER A 275 17.55 -9.20 6.46
C SER A 275 18.29 -10.24 7.27
N SER A 276 17.64 -10.92 8.21
CA SER A 276 18.25 -12.01 8.95
C SER A 276 17.37 -13.25 8.87
N VAL A 277 17.93 -14.39 9.29
CA VAL A 277 17.19 -15.65 9.24
C VAL A 277 16.45 -15.95 10.53
N GLN A 278 16.64 -15.14 11.57
CA GLN A 278 15.98 -15.44 12.83
C GLN A 278 15.61 -14.14 13.52
N THR A 279 14.44 -14.13 14.18
CA THR A 279 14.06 -12.96 14.95
C THR A 279 13.28 -13.38 16.18
N ASP A 280 13.26 -12.49 17.16
CA ASP A 280 12.66 -12.77 18.46
C ASP A 280 11.40 -11.94 18.60
N ILE A 281 10.29 -12.60 18.81
CA ILE A 281 9.06 -11.96 19.24
C ILE A 281 9.06 -11.98 20.76
N ASN A 282 8.98 -10.81 21.38
CA ASN A 282 9.14 -10.67 22.82
C ASN A 282 8.15 -9.64 23.33
N LEU A 283 7.08 -10.12 24.00
CA LEU A 283 5.99 -9.28 24.47
C LEU A 283 5.80 -9.50 25.97
N PRO A 284 6.52 -8.76 26.81
CA PRO A 284 6.37 -8.94 28.26
C PRO A 284 4.97 -8.58 28.72
N TYR A 285 4.50 -9.29 29.74
CA TYR A 285 3.19 -9.07 30.35
C TYR A 285 2.07 -8.95 29.30
N LEU A 286 2.06 -9.89 28.36
CA LEU A 286 1.03 -9.86 27.31
C LEU A 286 -0.35 -10.07 27.90
N THR A 287 -0.46 -10.97 28.87
CA THR A 287 -1.72 -11.28 29.54
C THR A 287 -1.41 -11.64 30.99
N MET A 288 -2.33 -11.27 31.88
CA MET A 288 -2.21 -11.54 33.31
C MET A 288 -3.22 -12.61 33.70
N ASP A 289 -2.99 -13.81 33.19
CA ASP A 289 -3.98 -14.88 33.25
C ASP A 289 -3.64 -15.93 34.32
N SER A 291 -3.37 -17.21 37.17
CA SER A 291 -2.29 -17.72 37.99
C SER A 291 -1.11 -16.75 38.02
N GLY A 292 -1.16 -15.73 37.17
CA GLY A 292 -0.05 -14.80 37.12
C GLY A 292 0.26 -14.34 35.70
N PRO A 293 1.23 -13.44 35.57
CA PRO A 293 1.55 -12.88 34.25
C PRO A 293 2.13 -13.94 33.33
N LYS A 294 1.97 -13.70 32.03
CA LYS A 294 2.51 -14.57 31.00
C LYS A 294 3.24 -13.69 30.00
N HIS A 295 4.52 -13.99 29.79
CA HIS A 295 5.34 -13.24 28.86
C HIS A 295 5.48 -14.06 27.58
N LEU A 296 5.12 -13.45 26.45
CA LEU A 296 5.29 -14.12 25.18
C LEU A 296 6.73 -13.94 24.72
N ASN A 297 7.36 -15.05 24.35
CA ASN A 297 8.74 -15.03 23.89
C ASN A 297 8.91 -16.19 22.92
N MET A 298 9.01 -15.88 21.63
CA MET A 298 9.19 -16.89 20.59
C MET A 298 10.32 -16.50 19.66
N LYS A 299 11.08 -17.49 19.23
CA LYS A 299 12.02 -17.33 18.13
C LYS A 299 11.31 -17.67 16.83
N LEU A 300 11.44 -16.80 15.84
CA LEU A 300 10.84 -17.01 14.54
C LEU A 300 11.94 -17.00 13.48
N THR A 301 12.01 -18.05 12.68
CA THR A 301 12.99 -18.12 11.62
C THR A 301 12.38 -17.67 10.29
N ARG A 302 13.25 -17.32 9.34
CA ARG A 302 12.79 -17.02 8.00
C ARG A 302 12.05 -18.20 7.37
N ALA A 303 12.63 -19.41 7.47
CA ALA A 303 11.98 -20.60 6.92
C ALA A 303 10.59 -20.81 7.51
N GLN A 304 10.46 -20.69 8.83
CA GLN A 304 9.16 -20.85 9.45
C GLN A 304 8.17 -19.83 8.90
N PHE A 305 8.59 -18.57 8.86
CA PHE A 305 7.72 -17.51 8.32
C PHE A 305 7.36 -17.77 6.86
N GLU A 306 8.36 -18.12 6.04
CA GLU A 306 8.07 -18.51 4.65
C GLU A 306 7.04 -19.63 4.57
N GLY A 307 7.10 -20.60 5.49
CA GLY A 307 6.10 -21.66 5.47
C GLY A 307 4.73 -21.15 5.83
N ILE A 308 4.66 -20.22 6.79
CA ILE A 308 3.39 -19.67 7.24
C ILE A 308 2.70 -18.86 6.13
N VAL A 309 3.45 -18.23 5.24
CA VAL A 309 2.85 -17.34 4.26
C VAL A 309 2.90 -17.93 2.86
N THR A 310 3.16 -19.24 2.76
CA THR A 310 3.46 -19.85 1.48
C THR A 310 2.34 -19.60 0.48
N ASP A 311 1.09 -19.81 0.88
CA ASP A 311 0.01 -19.69 -0.09
C ASP A 311 -0.20 -18.24 -0.51
N LEU A 312 0.10 -17.29 0.38
CA LEU A 312 0.00 -15.88 0.03
C LEU A 312 0.96 -15.52 -1.10
N ILE A 313 2.22 -15.93 -0.97
CA ILE A 313 3.18 -15.66 -2.04
C ILE A 313 2.75 -16.36 -3.32
N ARG A 314 2.27 -17.61 -3.21
CA ARG A 314 1.95 -18.38 -4.41
C ARG A 314 0.74 -17.80 -5.16
N ARG A 315 -0.15 -17.09 -4.46
CA ARG A 315 -1.31 -16.46 -5.09
C ARG A 315 -0.94 -15.32 -6.03
N THR A 316 0.32 -14.89 -6.03
CA THR A 316 0.79 -13.91 -7.00
C THR A 316 1.21 -14.55 -8.32
N ILE A 317 1.31 -15.88 -8.38
CA ILE A 317 1.88 -16.52 -9.56
C ILE A 317 0.87 -16.55 -10.71
N ALA A 318 -0.35 -17.00 -10.45
CA ALA A 318 -1.32 -17.17 -11.52
C ALA A 318 -1.77 -15.84 -12.15
N PRO A 319 -1.93 -14.75 -11.40
CA PRO A 319 -2.23 -13.48 -12.07
C PRO A 319 -1.11 -13.02 -12.98
N CYS A 320 0.14 -13.30 -12.61
CA CYS A 320 1.29 -12.92 -13.44
C CYS A 320 1.29 -13.70 -14.74
N GLN A 321 1.09 -15.03 -14.66
CA GLN A 321 1.02 -15.85 -15.86
C GLN A 321 -0.16 -15.43 -16.72
N LYS A 322 -1.25 -15.09 -16.09
CA LYS A 322 -2.37 -14.57 -16.79
C LYS A 322 -2.12 -13.26 -17.49
N ALA A 323 -1.33 -12.41 -16.87
CA ALA A 323 -1.05 -11.11 -17.46
C ALA A 323 -0.09 -11.24 -18.63
N MET A 324 0.84 -12.19 -18.57
CA MET A 324 1.67 -12.46 -19.74
C MET A 324 0.84 -13.08 -20.87
N GLN A 325 -0.10 -13.97 -20.54
CA GLN A 325 -0.97 -14.50 -21.59
C GLN A 325 -1.83 -13.42 -22.23
N ASP A 326 -2.42 -12.52 -21.43
CA ASP A 326 -3.21 -11.45 -22.02
C ASP A 326 -2.37 -10.46 -22.80
N ALA A 327 -1.10 -10.30 -22.43
CA ALA A 327 -0.22 -9.41 -23.18
C ALA A 327 0.35 -10.05 -24.43
N GLU A 328 -0.02 -11.31 -24.69
CA GLU A 328 0.59 -12.13 -25.74
C GLU A 328 2.11 -12.01 -25.69
N VAL A 329 2.65 -12.18 -24.48
CA VAL A 329 4.07 -12.01 -24.23
C VAL A 329 4.57 -13.23 -23.48
N SER A 330 5.86 -13.52 -23.63
CA SER A 330 6.49 -14.64 -22.95
C SER A 330 7.61 -14.12 -22.06
N LYS A 331 8.18 -15.02 -21.26
CA LYS A 331 9.28 -14.64 -20.37
C LYS A 331 10.44 -14.04 -21.16
N SER A 332 10.72 -14.61 -22.33
CA SER A 332 11.83 -14.14 -23.15
C SER A 332 11.62 -12.69 -23.62
N ASP A 333 10.38 -12.34 -23.93
CA ASP A 333 10.08 -11.02 -24.44
C ASP A 333 10.16 -9.92 -23.39
N ILE A 334 10.19 -10.27 -22.11
CA ILE A 334 10.18 -9.24 -21.07
C ILE A 334 11.60 -8.75 -20.85
N GLY A 335 11.82 -7.46 -21.12
CA GLY A 335 13.15 -6.91 -21.00
C GLY A 335 13.58 -6.60 -19.58
N GLU A 336 12.62 -6.29 -18.71
CA GLU A 336 12.95 -5.83 -17.37
C GLU A 336 11.76 -6.02 -16.45
N VAL A 337 12.04 -6.43 -15.21
CA VAL A 337 11.04 -6.62 -14.17
C VAL A 337 11.36 -5.64 -13.04
N ILE A 338 10.39 -4.78 -12.70
CA ILE A 338 10.58 -3.80 -11.64
C ILE A 338 9.71 -4.18 -10.45
N LEU A 339 10.28 -4.03 -9.25
CA LEU A 339 9.61 -4.36 -7.99
C LEU A 339 9.04 -3.08 -7.38
N VAL A 340 7.78 -3.14 -6.97
CA VAL A 340 7.09 -2.03 -6.32
C VAL A 340 6.42 -2.59 -5.09
N GLY A 341 6.34 -1.76 -4.04
CA GLY A 341 5.71 -2.16 -2.81
C GLY A 341 6.69 -2.74 -1.83
N GLY A 342 6.47 -2.46 -0.55
CA GLY A 342 7.37 -2.87 0.51
C GLY A 342 7.52 -4.37 0.61
N MET A 343 6.43 -5.09 0.32
CA MET A 343 6.41 -6.54 0.48
C MET A 343 7.42 -7.23 -0.43
N THR A 344 7.77 -6.61 -1.56
CA THR A 344 8.79 -7.19 -2.43
C THR A 344 10.18 -7.13 -1.83
N ARG A 345 10.31 -6.63 -0.62
CA ARG A 345 11.59 -6.67 0.08
C ARG A 345 11.85 -8.07 0.65
N MET A 346 10.80 -8.90 0.68
CA MET A 346 10.93 -10.25 1.22
C MET A 346 11.69 -11.13 0.23
N PRO A 347 12.77 -11.79 0.65
CA PRO A 347 13.55 -12.60 -0.30
C PRO A 347 12.72 -13.63 -1.06
N LYS A 348 11.88 -14.40 -0.37
CA LYS A 348 11.06 -15.39 -1.09
C LYS A 348 10.19 -14.75 -2.16
N VAL A 349 9.67 -13.53 -1.91
CA VAL A 349 8.91 -12.84 -2.94
C VAL A 349 9.81 -12.54 -4.13
N GLN A 350 11.02 -12.03 -3.88
CA GLN A 350 11.95 -11.76 -4.96
C GLN A 350 12.31 -13.03 -5.75
N GLN A 351 12.49 -14.16 -5.06
CA GLN A 351 12.80 -15.38 -5.80
C GLN A 351 11.59 -15.86 -6.59
N THR A 352 10.38 -15.69 -6.05
CA THR A 352 9.17 -15.98 -6.82
C THR A 352 9.08 -15.14 -8.09
N VAL A 353 9.43 -13.85 -7.99
CA VAL A 353 9.48 -12.99 -9.17
C VAL A 353 10.52 -13.50 -10.17
N GLN A 354 11.70 -13.83 -9.66
CA GLN A 354 12.75 -14.36 -10.54
C GLN A 354 12.27 -15.59 -11.30
N ASP A 355 11.62 -16.52 -10.59
CA ASP A 355 11.15 -17.73 -11.24
C ASP A 355 10.13 -17.41 -12.32
N LEU A 356 9.22 -16.45 -12.03
CA LEU A 356 8.13 -16.17 -12.94
C LEU A 356 8.63 -15.65 -14.27
N PHE A 357 9.55 -14.68 -14.25
CA PHE A 357 9.91 -13.94 -15.44
C PHE A 357 11.31 -14.30 -15.96
N GLY A 358 11.95 -15.32 -15.38
CA GLY A 358 13.24 -15.79 -15.86
C GLY A 358 14.34 -14.75 -15.83
N ARG A 359 14.32 -13.86 -14.85
CA ARG A 359 15.22 -12.72 -14.82
C ARG A 359 15.31 -12.21 -13.39
N ALA A 360 16.48 -11.70 -13.01
CA ALA A 360 16.61 -11.04 -11.73
C ALA A 360 15.84 -9.73 -11.76
N PRO A 361 14.87 -9.51 -10.86
CA PRO A 361 14.16 -8.22 -10.84
C PRO A 361 15.10 -7.07 -10.56
N SER A 362 14.73 -5.89 -11.07
CA SER A 362 15.45 -4.67 -10.73
C SER A 362 15.04 -4.19 -9.35
N LYS A 363 16.02 -3.80 -8.58
CA LYS A 363 15.76 -3.32 -7.24
C LYS A 363 16.33 -1.92 -7.06
N ALA A 364 16.72 -1.31 -8.17
CA ALA A 364 17.59 -0.14 -8.16
C ALA A 364 16.98 1.05 -7.43
N VAL A 365 15.66 1.04 -7.34
CA VAL A 365 14.93 2.15 -6.77
C VAL A 365 14.12 1.61 -5.63
N ASN A 366 14.20 2.29 -4.51
CA ASN A 366 13.42 1.92 -3.33
C ASN A 366 11.99 1.61 -3.79
N PRO A 367 11.51 0.38 -3.55
CA PRO A 367 10.19 -0.01 -4.09
C PRO A 367 9.03 0.60 -3.33
N ASP A 368 9.26 1.03 -2.10
CA ASP A 368 8.28 1.79 -1.35
C ASP A 368 8.01 3.15 -1.98
N GLU A 369 9.04 3.71 -2.61
CA GLU A 369 9.08 5.11 -3.01
C GLU A 369 9.06 5.33 -4.51
N ALA A 370 9.19 4.27 -5.32
CA ALA A 370 9.32 4.43 -6.76
C ALA A 370 8.13 5.15 -7.37
N VAL A 371 6.91 4.85 -6.92
CA VAL A 371 5.73 5.44 -7.56
C VAL A 371 5.64 6.93 -7.22
N ALA A 372 5.90 7.29 -5.98
CA ALA A 372 5.92 8.71 -5.60
C ALA A 372 7.01 9.45 -6.38
N ILE A 373 8.18 8.83 -6.52
CA ILE A 373 9.27 9.43 -7.28
C ILE A 373 8.83 9.68 -8.72
N GLY A 374 8.18 8.69 -9.35
CA GLY A 374 7.70 8.88 -10.71
C GLY A 374 6.65 9.97 -10.81
N ALA A 375 5.74 10.02 -9.84
CA ALA A 375 4.81 11.13 -9.72
C ALA A 375 5.53 12.47 -9.70
N ALA A 376 6.64 12.57 -8.95
CA ALA A 376 7.34 13.84 -8.83
C ALA A 376 8.04 14.19 -10.14
N ILE A 377 8.58 13.18 -10.82
CA ILE A 377 9.21 13.40 -12.13
C ILE A 377 8.18 13.93 -13.12
N GLN A 378 7.01 13.28 -13.19
CA GLN A 378 5.93 13.80 -14.01
C GLN A 378 5.60 15.23 -13.61
N GLY A 379 5.59 15.50 -12.29
CA GLY A 379 5.29 16.85 -11.84
C GLY A 379 6.32 17.86 -12.32
N GLY A 380 7.60 17.49 -12.25
CA GLY A 380 8.63 18.38 -12.77
C GLY A 380 8.47 18.65 -14.26
N VAL A 381 8.11 17.63 -15.03
CA VAL A 381 7.79 17.82 -16.44
C VAL A 381 6.71 18.88 -16.61
N LEU A 382 5.58 18.72 -15.90
CA LEU A 382 4.50 19.69 -16.00
C LEU A 382 4.94 21.09 -15.61
N ALA A 383 5.82 21.20 -14.61
CA ALA A 383 6.37 22.50 -14.24
C ALA A 383 7.30 23.07 -15.31
N GLY A 384 7.60 22.31 -16.36
CA GLY A 384 8.51 22.77 -17.40
C GLY A 384 9.98 22.56 -17.13
N ASP A 385 10.32 21.82 -16.08
CA ASP A 385 11.68 21.81 -15.54
C ASP A 385 12.37 20.46 -15.66
C10 NO7 B . 9.15 -3.87 4.54
C17 NO7 B . 3.45 -2.11 2.70
C01 NO7 B . 14.75 -5.26 3.85
C02 NO7 B . 13.82 -5.15 4.60
C03 NO7 B . 12.61 -5.00 5.55
C05 NO7 B . 10.20 -4.76 4.70
C07 NO7 B . 8.68 -6.49 4.50
C09 NO7 B . 7.80 -4.35 4.35
C12 NO7 B . 7.71 -2.13 4.31
C14 NO7 B . 5.75 -3.18 4.04
C16 NO7 B . 3.74 -3.52 3.05
C27 NO7 B . 3.55 -3.69 4.50
C29 NO7 B . 4.83 -3.50 5.14
N04 NO7 B . 11.55 -4.23 4.88
N06 NO7 B . 9.96 -6.07 4.68
N08 NO7 B . 7.65 -5.66 4.34
N11 NO7 B . 9.02 -2.36 4.50
N13 NO7 B . 7.13 -3.27 4.25
O15 NO7 B . 5.21 -3.89 2.75
O18 NO7 B . 3.94 -1.78 1.43
O20 NO7 B . 3.75 0.75 0.98
O21 NO7 B . 3.59 -0.57 -0.82
O22 NO7 B . 1.57 -0.56 0.78
O24 NO7 B . -0.74 -0.76 -0.46
O25 NO7 B . -0.06 1.38 0.09
O26 NO7 B . 0.97 0.28 -1.63
O28 NO7 B . 3.00 -5.03 4.75
O30 NO7 B . 5.22 -4.71 5.91
P19 NO7 B . 3.21 -0.54 0.58
P23 NO7 B . 0.46 0.07 -0.29
P PO4 C . -1.90 0.21 -4.26
O1 PO4 C . -2.27 0.49 -5.69
O2 PO4 C . -1.90 1.48 -3.46
O3 PO4 C . -0.53 -0.40 -4.21
O4 PO4 C . -2.90 -0.73 -3.68
MG MG D . 2.66 -0.81 -3.48
#